data_6SNN
#
_entry.id   6SNN
#
_cell.length_a   52.278
_cell.length_b   71.526
_cell.length_c   98.435
_cell.angle_alpha   90.000
_cell.angle_beta   90.000
_cell.angle_gamma   90.000
#
_symmetry.space_group_name_H-M   'P 21 21 21'
#
loop_
_entity.id
_entity.type
_entity.pdbx_description
1 polymer 'cAMP-dependent protein kinase catalytic subunit alpha'
2 non-polymer 'BENZOIC ACID'
3 water water
#
_entity_poly.entity_id   1
_entity_poly.type   'polypeptide(L)'
_entity_poly.pdbx_seq_one_letter_code
;MGNAAAAKKGSEQESVKEFLAKAKEEFLKKWESPSQNTAQLDHFDRIKTLGTGSFGRVMLVKHKETGNHYAMKILDKQKV
VKLKQIEHTLNEKRILQAVNFPFLVKLEFSFKDNSNLYMVMEYVPGGEMFSHLRRIGRF(SEP)EPHARFYAAQIVLTFE
YLHSLDLIYRDLKPENLLIDQQGYIQVTDFGFAKRVKGRTW(TPO)LCGTPEYLAPEIILSKGYNKAVDWWALGVLIYEM
AAGYPPFFADQPIQIYEKIVSGKVRFPSHFSSDLKDLLRNLLQVDLTKRFGNLKNGVNDIKNHKWFATTDWIAIYQRKVE
APFIPKFKGPGDTSNFDDYEEEEIRV(SEP)INEKCGKEFTEF
;
_entity_poly.pdbx_strand_id   A
#
loop_
_chem_comp.id
_chem_comp.type
_chem_comp.name
_chem_comp.formula
BEZ non-polymer 'BENZOIC ACID' 'C7 H6 O2'
#
# COMPACT_ATOMS: atom_id res chain seq x y z
N GLN A 13 1.28 11.96 -23.55
CA GLN A 13 2.73 11.97 -23.76
C GLN A 13 3.20 10.58 -24.20
N GLU A 14 3.71 10.47 -25.43
CA GLU A 14 3.96 9.16 -26.02
C GLU A 14 4.98 8.34 -25.22
N SER A 15 6.00 8.99 -24.66
CA SER A 15 7.01 8.25 -23.92
C SER A 15 6.43 7.59 -22.68
N VAL A 16 5.52 8.29 -21.99
CA VAL A 16 4.83 7.66 -20.85
C VAL A 16 3.90 6.58 -21.34
N LYS A 17 3.21 6.81 -22.46
CA LYS A 17 2.32 5.79 -23.01
C LYS A 17 3.09 4.53 -23.38
N GLU A 18 4.27 4.70 -23.99
CA GLU A 18 5.06 3.53 -24.35
C GLU A 18 5.68 2.88 -23.13
N PHE A 19 6.07 3.66 -22.13
CA PHE A 19 6.53 3.07 -20.87
C PHE A 19 5.43 2.20 -20.24
N LEU A 20 4.22 2.72 -20.14
CA LEU A 20 3.15 1.95 -19.51
C LEU A 20 2.76 0.74 -20.37
N ALA A 21 2.85 0.86 -21.70
CA ALA A 21 2.57 -0.29 -22.54
C ALA A 21 3.57 -1.41 -22.26
N LYS A 22 4.86 -1.06 -22.18
CA LYS A 22 5.85 -2.08 -21.86
C LYS A 22 5.65 -2.63 -20.46
N ALA A 23 5.30 -1.78 -19.50
CA ALA A 23 5.08 -2.24 -18.14
C ALA A 23 3.98 -3.29 -18.09
N LYS A 24 2.94 -3.11 -18.90
CA LYS A 24 1.83 -4.06 -18.89
C LYS A 24 2.22 -5.38 -19.54
N GLU A 25 2.96 -5.33 -20.65
CA GLU A 25 3.48 -6.53 -21.30
C GLU A 25 4.29 -7.37 -20.31
N GLU A 26 5.16 -6.73 -19.53
CA GLU A 26 6.03 -7.46 -18.61
C GLU A 26 5.25 -8.02 -17.43
N PHE A 27 4.25 -7.27 -16.96
CA PHE A 27 3.39 -7.77 -15.88
C PHE A 27 2.62 -9.00 -16.32
N LEU A 28 2.01 -8.94 -17.51
CA LEU A 28 1.19 -10.04 -17.98
C LEU A 28 2.00 -11.31 -18.19
N LYS A 29 3.26 -11.21 -18.62
CA LYS A 29 4.06 -12.43 -18.77
C LYS A 29 4.23 -13.16 -17.44
N LYS A 30 4.53 -12.42 -16.37
CA LYS A 30 4.66 -13.06 -15.06
C LYS A 30 3.29 -13.44 -14.48
N TRP A 31 2.26 -12.64 -14.78
CA TRP A 31 0.91 -12.92 -14.29
C TRP A 31 0.42 -14.28 -14.78
N GLU A 32 0.66 -14.58 -16.05
CA GLU A 32 0.16 -15.83 -16.64
C GLU A 32 1.02 -17.04 -16.27
N SER A 33 2.26 -16.84 -15.83
CA SER A 33 3.15 -17.93 -15.42
C SER A 33 3.84 -17.56 -14.12
N PRO A 34 3.15 -17.67 -12.99
CA PRO A 34 3.73 -17.22 -11.72
C PRO A 34 4.83 -18.14 -11.22
N SER A 35 5.83 -17.55 -10.57
CA SER A 35 6.87 -18.33 -9.92
C SER A 35 6.34 -18.91 -8.62
N GLN A 36 6.86 -20.09 -8.26
CA GLN A 36 6.51 -20.77 -7.02
C GLN A 36 7.75 -21.42 -6.44
N ASN A 37 7.78 -21.54 -5.10
CA ASN A 37 8.70 -22.44 -4.40
C ASN A 37 10.15 -22.05 -4.67
N THR A 38 10.48 -20.79 -4.44
CA THR A 38 11.81 -20.29 -4.79
C THR A 38 12.75 -20.19 -3.60
N ALA A 39 12.34 -20.67 -2.42
CA ALA A 39 13.22 -20.75 -1.26
C ALA A 39 12.61 -21.73 -0.26
N GLN A 40 13.23 -21.87 0.91
CA GLN A 40 12.67 -22.70 1.98
C GLN A 40 13.08 -22.11 3.33
N LEU A 41 12.37 -22.54 4.39
CA LEU A 41 12.49 -21.86 5.69
C LEU A 41 13.87 -22.03 6.29
N ASP A 42 14.48 -23.21 6.17
CA ASP A 42 15.76 -23.40 6.87
C ASP A 42 16.95 -22.80 6.12
N HIS A 43 16.71 -22.01 5.07
CA HIS A 43 17.71 -21.14 4.49
C HIS A 43 17.84 -19.80 5.21
N PHE A 44 16.98 -19.53 6.21
CA PHE A 44 16.94 -18.24 6.89
C PHE A 44 17.07 -18.41 8.39
N ASP A 45 17.70 -17.42 9.04
CA ASP A 45 17.73 -17.29 10.50
C ASP A 45 16.67 -16.28 10.92
N ARG A 46 15.96 -16.57 12.00
CA ARG A 46 14.97 -15.65 12.55
C ARG A 46 15.64 -14.62 13.46
N ILE A 47 15.29 -13.33 13.27
CA ILE A 47 15.91 -12.24 14.02
C ILE A 47 14.93 -11.58 14.98
N LYS A 48 13.79 -11.08 14.48
CA LYS A 48 12.90 -10.30 15.32
C LYS A 48 11.54 -10.18 14.65
N THR A 49 10.49 -10.06 15.46
CA THR A 49 9.15 -9.80 14.91
C THR A 49 8.98 -8.31 14.63
N LEU A 50 8.61 -7.98 13.39
CA LEU A 50 8.43 -6.58 12.99
C LEU A 50 6.99 -6.11 13.02
N GLY A 51 6.03 -7.03 12.99
CA GLY A 51 4.61 -6.68 13.01
C GLY A 51 3.78 -7.93 13.13
N THR A 52 2.56 -7.77 13.66
CA THR A 52 1.70 -8.90 13.95
C THR A 52 0.25 -8.57 13.56
N GLY A 53 -0.48 -9.61 13.14
CA GLY A 53 -1.87 -9.46 12.73
C GLY A 53 -2.76 -10.61 13.15
N SER A 54 -3.99 -10.65 12.60
CA SER A 54 -4.96 -11.67 12.99
C SER A 54 -4.57 -13.06 12.50
N PHE A 55 -3.93 -13.16 11.34
CA PHE A 55 -3.58 -14.45 10.76
C PHE A 55 -2.15 -14.52 10.26
N GLY A 56 -1.30 -13.55 10.63
CA GLY A 56 0.06 -13.55 10.14
C GLY A 56 0.94 -12.60 10.91
N ARG A 57 2.24 -12.70 10.63
CA ARG A 57 3.27 -11.87 11.23
C ARG A 57 4.30 -11.51 10.16
N VAL A 58 5.11 -10.49 10.44
CA VAL A 58 6.24 -10.16 9.59
C VAL A 58 7.50 -10.23 10.45
N MET A 59 8.52 -10.95 9.97
CA MET A 59 9.76 -11.20 10.70
C MET A 59 10.96 -10.65 9.95
N LEU A 60 11.89 -10.02 10.67
CA LEU A 60 13.23 -9.80 10.12
C LEU A 60 13.99 -11.12 10.10
N VAL A 61 14.54 -11.50 8.93
CA VAL A 61 15.30 -12.72 8.79
C VAL A 61 16.62 -12.39 8.10
N LYS A 62 17.58 -13.31 8.24
CA LYS A 62 18.86 -13.20 7.56
C LYS A 62 19.08 -14.47 6.73
N HIS A 63 19.38 -14.30 5.44
CA HIS A 63 19.74 -15.46 4.62
C HIS A 63 21.08 -16.02 5.05
N LYS A 64 21.13 -17.34 5.31
CA LYS A 64 22.30 -17.90 5.94
C LYS A 64 23.53 -17.86 5.02
N GLU A 65 23.34 -18.13 3.73
CA GLU A 65 24.49 -18.24 2.83
C GLU A 65 24.99 -16.87 2.37
N THR A 66 24.08 -15.93 2.11
CA THR A 66 24.49 -14.62 1.63
C THR A 66 24.64 -13.59 2.74
N GLY A 67 23.99 -13.79 3.89
CA GLY A 67 23.95 -12.78 4.92
C GLY A 67 22.97 -11.64 4.66
N ASN A 68 22.21 -11.67 3.57
CA ASN A 68 21.28 -10.58 3.30
C ASN A 68 20.10 -10.61 4.26
N HIS A 69 19.61 -9.43 4.61
CA HIS A 69 18.41 -9.31 5.44
C HIS A 69 17.16 -9.16 4.57
N TYR A 70 16.06 -9.75 5.04
CA TYR A 70 14.77 -9.63 4.38
C TYR A 70 13.67 -9.51 5.42
N ALA A 71 12.50 -9.05 4.98
CA ALA A 71 11.27 -9.11 5.78
C ALA A 71 10.42 -10.29 5.30
N MET A 72 10.15 -11.26 6.18
CA MET A 72 9.43 -12.48 5.81
C MET A 72 8.03 -12.42 6.40
N LYS A 73 7.03 -12.35 5.52
CA LYS A 73 5.63 -12.39 5.93
C LYS A 73 5.19 -13.85 6.00
N ILE A 74 4.61 -14.22 7.14
CA ILE A 74 4.24 -15.62 7.41
C ILE A 74 2.75 -15.66 7.73
N LEU A 75 1.98 -16.38 6.91
CA LEU A 75 0.55 -16.50 7.09
C LEU A 75 0.18 -17.92 7.49
N ASP A 76 -0.61 -18.06 8.55
CA ASP A 76 -1.08 -19.36 9.01
C ASP A 76 -2.26 -19.80 8.14
N LYS A 77 -2.09 -20.91 7.40
CA LYS A 77 -3.10 -21.32 6.42
C LYS A 77 -4.46 -21.57 7.07
N GLN A 78 -4.48 -22.22 8.24
CA GLN A 78 -5.76 -22.50 8.87
C GLN A 78 -6.47 -21.22 9.27
N LYS A 79 -5.71 -20.22 9.73
CA LYS A 79 -6.35 -18.96 10.11
C LYS A 79 -6.80 -18.17 8.89
N VAL A 80 -6.06 -18.24 7.78
CA VAL A 80 -6.49 -17.57 6.55
C VAL A 80 -7.83 -18.10 6.09
N VAL A 81 -8.00 -19.43 6.13
CA VAL A 81 -9.26 -20.05 5.77
C VAL A 81 -10.40 -19.54 6.65
N LYS A 82 -10.20 -19.57 7.98
CA LYS A 82 -11.28 -19.23 8.89
C LYS A 82 -11.69 -17.77 8.76
N LEU A 83 -10.71 -16.88 8.57
CA LEU A 83 -10.99 -15.47 8.34
C LEU A 83 -11.43 -15.18 6.91
N LYS A 84 -11.62 -16.21 6.08
CA LYS A 84 -12.15 -16.08 4.73
C LYS A 84 -11.27 -15.17 3.87
N GLN A 85 -9.96 -15.40 3.94
CA GLN A 85 -9.00 -14.59 3.22
C GLN A 85 -8.27 -15.37 2.12
N ILE A 86 -8.84 -16.49 1.65
CA ILE A 86 -8.11 -17.36 0.71
C ILE A 86 -7.80 -16.62 -0.59
N GLU A 87 -8.84 -16.08 -1.24
CA GLU A 87 -8.67 -15.39 -2.51
C GLU A 87 -7.74 -14.18 -2.37
N HIS A 88 -7.88 -13.44 -1.26
CA HIS A 88 -7.02 -12.28 -1.06
C HIS A 88 -5.55 -12.68 -0.94
N THR A 89 -5.27 -13.77 -0.25
N THR A 89 -5.24 -13.77 -0.25
CA THR A 89 -3.87 -14.19 -0.08
CA THR A 89 -3.83 -14.15 -0.11
C THR A 89 -3.28 -14.67 -1.41
C THR A 89 -3.26 -14.69 -1.41
N LEU A 90 -4.08 -15.37 -2.22
CA LEU A 90 -3.61 -15.77 -3.54
C LEU A 90 -3.42 -14.56 -4.45
N ASN A 91 -4.36 -13.60 -4.38
CA ASN A 91 -4.18 -12.31 -5.06
C ASN A 91 -2.84 -11.67 -4.68
N GLU A 92 -2.56 -11.56 -3.38
CA GLU A 92 -1.38 -10.82 -2.92
C GLU A 92 -0.11 -11.38 -3.53
N LYS A 93 0.05 -12.71 -3.50
CA LYS A 93 1.30 -13.29 -3.95
C LYS A 93 1.40 -13.30 -5.49
N ARG A 94 0.30 -13.59 -6.19
CA ARG A 94 0.35 -13.57 -7.66
C ARG A 94 0.66 -12.17 -8.18
N ILE A 95 0.11 -11.13 -7.55
CA ILE A 95 0.37 -9.77 -8.00
C ILE A 95 1.81 -9.38 -7.67
N LEU A 96 2.24 -9.61 -6.43
CA LEU A 96 3.57 -9.19 -6.01
C LEU A 96 4.68 -9.82 -6.87
N GLN A 97 4.50 -11.08 -7.25
CA GLN A 97 5.55 -11.68 -8.06
C GLN A 97 5.56 -11.14 -9.49
N ALA A 98 4.53 -10.38 -9.90
CA ALA A 98 4.44 -9.91 -11.28
C ALA A 98 4.72 -8.43 -11.47
N VAL A 99 4.74 -7.61 -10.40
CA VAL A 99 4.86 -6.17 -10.55
C VAL A 99 6.32 -5.74 -10.37
N ASN A 100 6.61 -4.51 -10.79
CA ASN A 100 7.96 -3.97 -10.79
C ASN A 100 7.85 -2.45 -10.91
N PHE A 101 8.11 -1.71 -9.83
CA PHE A 101 8.03 -0.25 -9.86
C PHE A 101 8.90 0.32 -8.74
N PRO A 102 9.51 1.50 -8.94
CA PRO A 102 10.48 2.00 -7.95
C PRO A 102 9.93 2.16 -6.54
N PHE A 103 8.62 2.36 -6.36
CA PHE A 103 8.07 2.64 -5.04
C PHE A 103 7.23 1.48 -4.49
N LEU A 104 7.43 0.27 -5.01
CA LEU A 104 6.81 -0.94 -4.47
C LEU A 104 7.89 -1.81 -3.83
N VAL A 105 7.64 -2.26 -2.59
CA VAL A 105 8.53 -3.26 -1.98
C VAL A 105 8.60 -4.48 -2.89
N LYS A 106 9.82 -4.97 -3.13
CA LYS A 106 10.04 -6.10 -4.02
C LYS A 106 9.87 -7.43 -3.30
N LEU A 107 9.14 -8.36 -3.91
CA LEU A 107 9.08 -9.74 -3.45
C LEU A 107 10.28 -10.52 -3.97
N GLU A 108 11.07 -11.10 -3.06
CA GLU A 108 12.29 -11.81 -3.46
C GLU A 108 12.10 -13.32 -3.59
N PHE A 109 11.39 -13.95 -2.66
CA PHE A 109 11.12 -15.39 -2.71
C PHE A 109 9.72 -15.66 -2.16
N SER A 110 9.16 -16.83 -2.51
CA SER A 110 7.95 -17.30 -1.86
C SER A 110 7.96 -18.82 -1.79
N PHE A 111 7.26 -19.36 -0.79
CA PHE A 111 7.14 -20.80 -0.60
C PHE A 111 6.06 -21.10 0.43
N LYS A 112 5.74 -22.37 0.58
CA LYS A 112 4.77 -22.83 1.56
C LYS A 112 5.26 -24.12 2.18
N ASP A 113 4.70 -24.48 3.32
CA ASP A 113 4.96 -25.79 3.93
C ASP A 113 3.63 -26.34 4.45
N ASN A 114 3.71 -27.33 5.36
CA ASN A 114 2.47 -27.98 5.82
C ASN A 114 1.52 -26.99 6.48
N SER A 115 2.07 -25.95 7.13
CA SER A 115 1.26 -25.07 7.96
C SER A 115 1.11 -23.65 7.43
N ASN A 116 2.11 -23.10 6.75
CA ASN A 116 2.18 -21.66 6.55
C ASN A 116 2.46 -21.30 5.09
N LEU A 117 2.15 -20.05 4.75
CA LEU A 117 2.55 -19.40 3.52
C LEU A 117 3.60 -18.34 3.82
N TYR A 118 4.61 -18.22 2.96
CA TYR A 118 5.75 -17.34 3.22
C TYR A 118 6.01 -16.43 2.03
N MET A 119 6.14 -15.12 2.30
CA MET A 119 6.55 -14.15 1.28
C MET A 119 7.75 -13.39 1.83
N VAL A 120 8.89 -13.53 1.17
CA VAL A 120 10.17 -12.95 1.61
C VAL A 120 10.38 -11.68 0.80
N MET A 121 10.33 -10.53 1.46
N MET A 121 10.31 -10.53 1.46
CA MET A 121 10.37 -9.25 0.78
CA MET A 121 10.39 -9.24 0.78
C MET A 121 11.62 -8.47 1.19
C MET A 121 11.67 -8.51 1.15
N GLU A 122 11.96 -7.48 0.37
CA GLU A 122 13.06 -6.56 0.71
C GLU A 122 12.76 -5.89 2.04
N TYR A 123 13.79 -5.75 2.88
CA TYR A 123 13.62 -5.10 4.18
C TYR A 123 13.92 -3.60 4.03
N VAL A 124 13.02 -2.78 4.58
CA VAL A 124 13.11 -1.32 4.52
C VAL A 124 13.35 -0.78 5.93
N PRO A 125 14.61 -0.52 6.33
CA PRO A 125 14.89 -0.27 7.75
C PRO A 125 14.40 1.07 8.26
N GLY A 126 13.95 1.97 7.40
CA GLY A 126 13.47 3.27 7.88
C GLY A 126 12.13 3.23 8.59
N GLY A 127 11.39 2.13 8.50
CA GLY A 127 10.13 2.03 9.20
C GLY A 127 8.97 2.71 8.48
N GLU A 128 7.83 2.75 9.17
CA GLU A 128 6.58 3.24 8.59
C GLU A 128 6.52 4.75 8.55
N MET A 129 5.92 5.30 7.48
CA MET A 129 5.64 6.73 7.47
C MET A 129 4.80 7.14 8.67
N PHE A 130 3.92 6.25 9.13
CA PHE A 130 3.03 6.52 10.26
C PHE A 130 3.81 6.93 11.51
N SER A 131 4.92 6.23 11.81
N SER A 131 4.90 6.21 11.82
CA SER A 131 5.65 6.58 13.03
CA SER A 131 5.69 6.54 13.01
C SER A 131 6.36 7.92 12.90
C SER A 131 6.31 7.92 12.88
N HIS A 132 6.88 8.23 11.71
CA HIS A 132 7.52 9.52 11.52
C HIS A 132 6.49 10.65 11.54
N LEU A 133 5.32 10.45 10.92
CA LEU A 133 4.27 11.47 10.97
C LEU A 133 3.81 11.72 12.39
N ARG A 134 3.62 10.67 13.17
CA ARG A 134 3.13 10.84 14.54
C ARG A 134 4.19 11.46 15.45
N ARG A 135 5.48 11.25 15.12
N ARG A 135 5.48 11.21 15.17
CA ARG A 135 6.58 11.80 15.92
CA ARG A 135 6.53 11.84 15.96
C ARG A 135 6.76 13.30 15.69
C ARG A 135 6.54 13.34 15.74
N ILE A 136 6.47 13.78 14.48
CA ILE A 136 6.60 15.20 14.16
C ILE A 136 5.30 15.98 14.28
N GLY A 137 4.15 15.33 14.19
CA GLY A 137 2.88 16.02 14.26
C GLY A 137 2.23 16.12 12.89
N ARG A 138 2.79 16.95 12.01
CA ARG A 138 2.33 17.02 10.63
C ARG A 138 3.52 17.33 9.73
N PHE A 139 3.34 17.05 8.44
CA PHE A 139 4.30 17.39 7.39
C PHE A 139 3.96 18.72 6.74
N SEP A 140 4.97 19.49 6.35
CA SEP A 140 4.78 20.73 5.58
CB SEP A 140 6.12 21.45 5.36
OG SEP A 140 6.94 20.68 4.50
C SEP A 140 4.19 20.33 4.22
O SEP A 140 4.33 19.18 3.83
P SEP A 140 8.48 21.16 4.47
O1P SEP A 140 8.63 22.64 3.88
O2P SEP A 140 9.36 20.13 3.59
O3P SEP A 140 9.00 21.11 6.01
N GLU A 141 3.56 21.24 3.50
CA GLU A 141 2.99 20.82 2.21
C GLU A 141 4.06 20.31 1.22
N PRO A 142 5.26 20.91 1.15
CA PRO A 142 6.27 20.34 0.24
C PRO A 142 6.65 18.91 0.59
N HIS A 143 6.73 18.60 1.89
CA HIS A 143 7.04 17.25 2.35
C HIS A 143 5.90 16.28 2.03
N ALA A 144 4.66 16.68 2.32
CA ALA A 144 3.52 15.87 1.94
C ALA A 144 3.45 15.66 0.42
N ARG A 145 3.81 16.69 -0.34
CA ARG A 145 3.72 16.63 -1.80
C ARG A 145 4.76 15.67 -2.39
N PHE A 146 5.97 15.65 -1.82
CA PHE A 146 6.98 14.70 -2.26
C PHE A 146 6.49 13.25 -2.15
N TYR A 147 5.92 12.89 -1.01
CA TYR A 147 5.36 11.54 -0.83
C TYR A 147 4.13 11.32 -1.72
N ALA A 148 3.23 12.30 -1.75
CA ALA A 148 2.02 12.17 -2.56
C ALA A 148 2.34 11.91 -4.04
N ALA A 149 3.37 12.58 -4.58
CA ALA A 149 3.74 12.36 -5.97
C ALA A 149 4.14 10.91 -6.23
N GLN A 150 4.84 10.29 -5.27
CA GLN A 150 5.23 8.89 -5.45
C GLN A 150 4.00 7.98 -5.47
N ILE A 151 2.99 8.29 -4.64
CA ILE A 151 1.76 7.49 -4.66
C ILE A 151 0.99 7.70 -5.96
N VAL A 152 0.96 8.93 -6.49
CA VAL A 152 0.27 9.18 -7.76
C VAL A 152 0.88 8.34 -8.87
N LEU A 153 2.22 8.35 -8.97
CA LEU A 153 2.90 7.54 -9.99
C LEU A 153 2.65 6.06 -9.77
N THR A 154 2.63 5.60 -8.51
CA THR A 154 2.42 4.19 -8.22
C THR A 154 1.02 3.74 -8.60
N PHE A 155 0.00 4.56 -8.29
CA PHE A 155 -1.37 4.25 -8.70
C PHE A 155 -1.55 4.36 -10.21
N GLU A 156 -0.83 5.27 -10.88
CA GLU A 156 -0.89 5.31 -12.35
C GLU A 156 -0.38 3.98 -12.93
N TYR A 157 0.73 3.49 -12.41
CA TYR A 157 1.27 2.20 -12.81
C TYR A 157 0.27 1.07 -12.52
N LEU A 158 -0.14 0.93 -11.25
CA LEU A 158 -1.03 -0.18 -10.87
C LEU A 158 -2.34 -0.15 -11.66
N HIS A 159 -2.96 1.02 -11.79
CA HIS A 159 -4.23 1.11 -12.51
C HIS A 159 -4.07 0.78 -13.99
N SER A 160 -2.92 1.09 -14.60
N SER A 160 -2.92 1.10 -14.59
CA SER A 160 -2.73 0.74 -16.00
CA SER A 160 -2.71 0.74 -15.99
C SER A 160 -2.60 -0.76 -16.22
C SER A 160 -2.68 -0.76 -16.19
N LEU A 161 -2.27 -1.51 -15.17
CA LEU A 161 -2.28 -2.96 -15.18
C LEU A 161 -3.63 -3.55 -14.76
N ASP A 162 -4.65 -2.71 -14.61
CA ASP A 162 -5.97 -3.09 -14.12
C ASP A 162 -5.93 -3.64 -12.70
N LEU A 163 -5.02 -3.12 -11.87
CA LEU A 163 -4.94 -3.50 -10.46
C LEU A 163 -5.48 -2.40 -9.58
N ILE A 164 -6.24 -2.77 -8.56
CA ILE A 164 -6.70 -1.85 -7.52
C ILE A 164 -5.96 -2.19 -6.25
N TYR A 165 -5.45 -1.19 -5.54
CA TYR A 165 -4.58 -1.47 -4.39
C TYR A 165 -5.39 -1.72 -3.11
N ARG A 166 -6.30 -0.80 -2.77
CA ARG A 166 -7.33 -0.96 -1.73
C ARG A 166 -6.79 -1.01 -0.30
N ASP A 167 -5.56 -0.61 -0.02
CA ASP A 167 -5.14 -0.61 1.39
C ASP A 167 -4.25 0.59 1.68
N LEU A 168 -4.52 1.74 1.07
CA LEU A 168 -3.66 2.89 1.35
C LEU A 168 -3.90 3.40 2.77
N LYS A 169 -2.82 3.52 3.53
CA LYS A 169 -2.81 4.08 4.88
C LYS A 169 -1.34 4.33 5.24
N PRO A 170 -1.09 5.22 6.21
CA PRO A 170 0.32 5.60 6.49
C PRO A 170 1.17 4.45 6.97
N GLU A 171 0.55 3.43 7.60
CA GLU A 171 1.28 2.28 8.11
C GLU A 171 1.88 1.42 7.00
N ASN A 172 1.35 1.48 5.79
CA ASN A 172 1.80 0.63 4.69
C ASN A 172 2.84 1.31 3.79
N LEU A 173 3.28 2.52 4.14
CA LEU A 173 4.27 3.23 3.35
C LEU A 173 5.56 3.21 4.17
N LEU A 174 6.58 2.50 3.71
CA LEU A 174 7.85 2.47 4.41
C LEU A 174 8.82 3.47 3.79
N ILE A 175 9.73 3.99 4.61
CA ILE A 175 10.70 5.00 4.16
C ILE A 175 12.06 4.34 4.00
N ASP A 176 12.65 4.46 2.80
CA ASP A 176 13.89 3.74 2.55
C ASP A 176 15.09 4.64 2.86
N GLN A 177 16.30 4.12 2.59
CA GLN A 177 17.52 4.81 3.00
C GLN A 177 17.73 6.14 2.27
N GLN A 178 17.11 6.32 1.11
CA GLN A 178 17.16 7.58 0.39
C GLN A 178 16.00 8.52 0.74
N GLY A 179 15.14 8.11 1.67
CA GLY A 179 13.99 8.90 2.05
C GLY A 179 12.79 8.75 1.14
N TYR A 180 12.82 7.82 0.19
CA TYR A 180 11.71 7.54 -0.70
C TYR A 180 10.78 6.48 -0.11
N ILE A 181 9.54 6.46 -0.65
CA ILE A 181 8.45 5.57 -0.23
C ILE A 181 8.63 4.19 -0.86
N GLN A 182 8.35 3.14 -0.08
CA GLN A 182 8.16 1.78 -0.60
C GLN A 182 6.83 1.25 -0.06
N VAL A 183 5.87 0.99 -0.97
CA VAL A 183 4.54 0.54 -0.57
C VAL A 183 4.58 -0.95 -0.27
N THR A 184 4.02 -1.35 0.89
CA THR A 184 3.93 -2.75 1.27
C THR A 184 2.48 -3.13 1.56
N ASP A 185 2.24 -4.45 1.64
CA ASP A 185 0.94 -5.07 1.97
C ASP A 185 -0.01 -5.03 0.77
N PHE A 186 0.04 -6.07 -0.05
CA PHE A 186 -0.88 -6.27 -1.16
C PHE A 186 -2.02 -7.23 -0.83
N GLY A 187 -2.33 -7.39 0.46
CA GLY A 187 -3.38 -8.30 0.87
C GLY A 187 -4.74 -8.03 0.27
N PHE A 188 -5.06 -6.77 -0.03
CA PHE A 188 -6.35 -6.44 -0.62
C PHE A 188 -6.24 -6.09 -2.10
N ALA A 189 -5.05 -6.16 -2.68
CA ALA A 189 -4.87 -5.83 -4.09
C ALA A 189 -5.55 -6.86 -4.99
N LYS A 190 -6.12 -6.38 -6.10
CA LYS A 190 -6.89 -7.28 -6.96
C LYS A 190 -6.86 -6.79 -8.41
N ARG A 191 -6.77 -7.73 -9.36
CA ARG A 191 -6.94 -7.39 -10.78
C ARG A 191 -8.43 -7.33 -11.12
N VAL A 192 -8.88 -6.16 -11.58
CA VAL A 192 -10.29 -5.83 -11.71
C VAL A 192 -10.45 -5.04 -13.01
N LYS A 193 -11.13 -5.62 -13.98
N LYS A 193 -11.13 -5.60 -13.99
CA LYS A 193 -11.61 -4.90 -15.16
CA LYS A 193 -11.35 -4.82 -15.20
C LYS A 193 -13.11 -4.70 -14.97
C LYS A 193 -12.59 -3.94 -15.13
N GLY A 194 -13.48 -3.52 -14.49
N GLY A 194 -13.57 -4.30 -14.30
CA GLY A 194 -14.88 -3.22 -14.29
CA GLY A 194 -14.76 -3.50 -14.14
C GLY A 194 -15.22 -2.82 -12.87
C GLY A 194 -15.02 -3.12 -12.71
N ARG A 195 -15.84 -3.74 -12.12
N ARG A 195 -16.05 -3.71 -12.10
CA ARG A 195 -16.28 -3.47 -10.76
CA ARG A 195 -16.43 -3.46 -10.72
C ARG A 195 -15.84 -4.60 -9.84
C ARG A 195 -15.96 -4.61 -9.84
N THR A 196 -15.82 -4.32 -8.54
CA THR A 196 -15.62 -5.34 -7.54
C THR A 196 -16.44 -4.94 -6.31
N TRP A 197 -16.65 -5.88 -5.40
CA TRP A 197 -17.63 -5.68 -4.32
C TRP A 197 -17.16 -5.96 -2.88
N TPO A 198 -15.93 -6.44 -2.69
CA TPO A 198 -15.54 -6.84 -1.33
CB TPO A 198 -14.24 -7.69 -1.34
CG2 TPO A 198 -13.97 -8.24 0.06
OG1 TPO A 198 -14.42 -8.81 -2.18
P TPO A 198 -13.40 -8.70 -3.43
O1P TPO A 198 -13.63 -7.29 -4.16
O2P TPO A 198 -13.78 -9.87 -4.44
O3P TPO A 198 -12.01 -8.85 -2.92
C TPO A 198 -15.42 -5.68 -0.35
O TPO A 198 -14.80 -4.66 -0.64
N LEU A 199 -15.99 -5.85 0.85
CA LEU A 199 -15.78 -4.87 1.92
C LEU A 199 -14.42 -5.11 2.55
N CYS A 200 -13.47 -4.20 2.30
CA CYS A 200 -12.16 -4.30 2.91
C CYS A 200 -11.50 -2.92 2.93
N GLY A 201 -10.52 -2.78 3.81
CA GLY A 201 -9.82 -1.53 4.02
C GLY A 201 -9.95 -1.04 5.45
N THR A 202 -9.08 0.01 5.79
CA THR A 202 -9.22 0.51 7.15
C THR A 202 -10.26 1.63 7.18
N PRO A 203 -11.07 1.70 8.27
CA PRO A 203 -12.25 2.59 8.25
C PRO A 203 -12.00 4.04 7.85
N GLU A 204 -10.94 4.69 8.36
CA GLU A 204 -10.74 6.11 8.08
C GLU A 204 -10.47 6.37 6.60
N TYR A 205 -10.08 5.36 5.83
CA TYR A 205 -9.68 5.54 4.45
C TYR A 205 -10.68 4.99 3.44
N LEU A 206 -11.83 4.47 3.87
CA LEU A 206 -12.80 3.86 2.97
C LEU A 206 -13.59 4.91 2.19
N ALA A 207 -13.71 4.70 0.87
CA ALA A 207 -14.56 5.56 0.04
C ALA A 207 -16.04 5.33 0.35
N PRO A 208 -16.90 6.32 0.08
CA PRO A 208 -18.33 6.14 0.38
C PRO A 208 -18.95 4.94 -0.34
N GLU A 209 -18.55 4.65 -1.57
CA GLU A 209 -19.19 3.55 -2.29
C GLU A 209 -18.84 2.19 -1.70
N ILE A 210 -17.71 2.07 -0.96
CA ILE A 210 -17.41 0.84 -0.23
C ILE A 210 -18.33 0.71 0.98
N ILE A 211 -18.46 1.79 1.76
CA ILE A 211 -19.32 1.80 2.94
C ILE A 211 -20.77 1.48 2.56
N LEU A 212 -21.20 1.93 1.39
CA LEU A 212 -22.59 1.76 0.95
C LEU A 212 -22.83 0.45 0.19
N SER A 213 -21.84 -0.45 0.16
CA SER A 213 -22.00 -1.80 -0.41
C SER A 213 -22.35 -1.76 -1.90
N LYS A 214 -21.78 -0.79 -2.62
CA LYS A 214 -21.94 -0.70 -4.06
C LYS A 214 -20.82 -1.47 -4.77
N GLY A 215 -21.01 -1.69 -6.08
CA GLY A 215 -19.92 -2.16 -6.92
C GLY A 215 -19.00 -0.98 -7.24
N TYR A 216 -17.72 -1.10 -6.93
CA TYR A 216 -16.82 0.05 -7.03
C TYR A 216 -15.61 -0.29 -7.91
N ASN A 217 -14.80 0.72 -8.19
CA ASN A 217 -13.68 0.55 -9.13
C ASN A 217 -12.46 1.28 -8.59
N LYS A 218 -11.51 1.57 -9.50
CA LYS A 218 -10.23 2.13 -9.08
C LYS A 218 -10.35 3.52 -8.47
N ALA A 219 -11.48 4.20 -8.61
CA ALA A 219 -11.62 5.51 -7.98
C ALA A 219 -11.54 5.44 -6.46
N VAL A 220 -11.72 4.26 -5.85
CA VAL A 220 -11.57 4.21 -4.39
C VAL A 220 -10.11 4.46 -3.97
N ASP A 221 -9.14 4.13 -4.83
CA ASP A 221 -7.74 4.44 -4.53
C ASP A 221 -7.51 5.95 -4.52
N TRP A 222 -8.16 6.68 -5.44
CA TRP A 222 -7.94 8.12 -5.51
C TRP A 222 -8.62 8.82 -4.33
N TRP A 223 -9.78 8.33 -3.89
CA TRP A 223 -10.35 8.80 -2.62
C TRP A 223 -9.35 8.60 -1.48
N ALA A 224 -8.76 7.41 -1.38
CA ALA A 224 -7.83 7.14 -0.29
C ALA A 224 -6.60 8.04 -0.38
N LEU A 225 -6.16 8.41 -1.59
CA LEU A 225 -5.06 9.37 -1.71
C LEU A 225 -5.45 10.72 -1.09
N GLY A 226 -6.69 11.16 -1.34
CA GLY A 226 -7.17 12.37 -0.70
C GLY A 226 -7.08 12.31 0.81
N VAL A 227 -7.46 11.16 1.40
CA VAL A 227 -7.41 11.00 2.86
C VAL A 227 -5.96 11.06 3.34
N LEU A 228 -5.06 10.38 2.61
CA LEU A 228 -3.64 10.36 3.00
C LEU A 228 -3.02 11.75 2.92
N ILE A 229 -3.29 12.50 1.86
CA ILE A 229 -2.71 13.84 1.77
C ILE A 229 -3.24 14.72 2.90
N TYR A 230 -4.53 14.62 3.20
CA TYR A 230 -5.10 15.39 4.31
C TYR A 230 -4.41 15.04 5.62
N GLU A 231 -4.22 13.73 5.88
CA GLU A 231 -3.63 13.34 7.15
C GLU A 231 -2.16 13.74 7.25
N MET A 232 -1.40 13.60 6.16
CA MET A 232 -0.01 14.09 6.17
C MET A 232 0.07 15.58 6.47
N ALA A 233 -0.84 16.38 5.89
CA ALA A 233 -0.75 17.83 5.98
C ALA A 233 -1.37 18.39 7.25
N ALA A 234 -2.34 17.67 7.84
CA ALA A 234 -3.01 18.14 9.05
C ALA A 234 -2.51 17.47 10.33
N GLY A 235 -2.09 16.21 10.23
CA GLY A 235 -1.73 15.42 11.39
C GLY A 235 -2.80 14.46 11.84
N TYR A 236 -3.98 14.49 11.22
CA TYR A 236 -5.12 13.66 11.60
C TYR A 236 -6.01 13.49 10.37
N PRO A 237 -6.83 12.44 10.32
CA PRO A 237 -7.59 12.15 9.09
C PRO A 237 -8.87 12.97 9.02
N PRO A 238 -9.37 13.21 7.80
CA PRO A 238 -10.48 14.19 7.63
C PRO A 238 -11.80 13.76 8.25
N PHE A 239 -12.07 12.47 8.41
CA PHE A 239 -13.37 12.03 8.92
C PHE A 239 -13.26 11.36 10.28
N PHE A 240 -12.26 11.76 11.07
CA PHE A 240 -11.98 11.16 12.36
C PHE A 240 -13.21 11.15 13.30
N ALA A 241 -13.38 10.04 14.01
CA ALA A 241 -14.33 9.96 15.11
C ALA A 241 -13.98 8.75 15.97
N ASP A 242 -14.63 8.67 17.15
CA ASP A 242 -14.24 7.68 18.16
C ASP A 242 -14.66 6.25 17.80
N GLN A 243 -15.76 6.08 17.05
CA GLN A 243 -16.21 4.75 16.68
C GLN A 243 -16.41 4.66 15.17
N PRO A 244 -16.26 3.46 14.60
CA PRO A 244 -16.37 3.32 13.13
C PRO A 244 -17.70 3.80 12.57
N ILE A 245 -18.80 3.62 13.31
CA ILE A 245 -20.11 4.02 12.77
C ILE A 245 -20.16 5.52 12.56
N GLN A 246 -19.54 6.29 13.46
CA GLN A 246 -19.49 7.74 13.30
C GLN A 246 -18.53 8.14 12.18
N ILE A 247 -17.43 7.40 12.00
CA ILE A 247 -16.53 7.66 10.89
C ILE A 247 -17.27 7.49 9.57
N TYR A 248 -18.03 6.41 9.46
CA TYR A 248 -18.76 6.13 8.21
C TYR A 248 -19.80 7.20 7.91
N GLU A 249 -20.52 7.65 8.94
CA GLU A 249 -21.49 8.73 8.75
C GLU A 249 -20.83 10.00 8.23
N LYS A 250 -19.64 10.34 8.74
CA LYS A 250 -18.93 11.52 8.24
C LYS A 250 -18.48 11.33 6.79
N ILE A 251 -17.97 10.14 6.45
N ILE A 251 -17.98 10.14 6.46
CA ILE A 251 -17.47 9.89 5.11
CA ILE A 251 -17.49 9.86 5.10
C ILE A 251 -18.55 10.14 4.06
C ILE A 251 -18.61 10.00 4.09
N VAL A 252 -19.79 9.70 4.34
N VAL A 252 -19.71 9.27 4.30
CA VAL A 252 -20.86 9.80 3.36
CA VAL A 252 -20.80 9.27 3.32
C VAL A 252 -21.62 11.12 3.42
C VAL A 252 -21.38 10.66 3.16
N SER A 253 -21.26 12.02 4.34
N SER A 253 -21.43 11.44 4.25
CA SER A 253 -22.00 13.27 4.50
CA SER A 253 -21.83 12.85 4.11
C SER A 253 -21.72 14.29 3.40
C SER A 253 -20.75 13.66 3.38
N GLY A 254 -20.56 14.22 2.74
N GLY A 254 -19.48 13.28 3.54
CA GLY A 254 -20.22 15.19 1.73
CA GLY A 254 -18.38 13.97 2.89
C GLY A 254 -19.59 16.47 2.24
C GLY A 254 -18.15 15.37 3.39
N LYS A 255 -19.23 16.53 3.52
N LYS A 255 -18.82 15.79 4.47
CA LYS A 255 -18.59 17.70 4.10
CA LYS A 255 -18.57 17.09 5.05
C LYS A 255 -17.24 17.32 4.69
C LYS A 255 -17.15 17.17 5.59
N VAL A 256 -16.32 18.29 4.72
N VAL A 256 -16.30 17.94 4.93
CA VAL A 256 -15.01 18.10 5.33
CA VAL A 256 -14.90 18.09 5.30
C VAL A 256 -14.47 19.48 5.69
C VAL A 256 -14.67 19.49 5.82
N ARG A 257 -13.89 19.59 6.89
CA ARG A 257 -13.39 20.86 7.40
C ARG A 257 -11.88 20.92 7.19
N PHE A 258 -11.39 22.05 6.56
CA PHE A 258 -9.95 22.16 6.33
C PHE A 258 -9.31 23.11 7.32
N PRO A 259 -8.14 22.75 7.86
CA PRO A 259 -7.40 23.68 8.71
C PRO A 259 -7.11 24.95 7.94
N SER A 260 -7.14 26.09 8.65
CA SER A 260 -6.85 27.36 7.97
C SER A 260 -5.42 27.40 7.43
N HIS A 261 -4.50 26.62 7.97
CA HIS A 261 -3.15 26.68 7.42
C HIS A 261 -3.00 25.96 6.07
N PHE A 262 -4.00 25.19 5.64
CA PHE A 262 -3.95 24.59 4.29
C PHE A 262 -3.94 25.70 3.23
N SER A 263 -3.11 25.50 2.19
CA SER A 263 -3.13 26.41 1.04
C SER A 263 -4.45 26.27 0.27
N SER A 264 -4.80 27.32 -0.47
CA SER A 264 -6.00 27.27 -1.32
C SER A 264 -5.87 26.18 -2.39
N ASP A 265 -4.68 25.99 -2.95
CA ASP A 265 -4.47 24.89 -3.91
C ASP A 265 -4.69 23.53 -3.26
N LEU A 266 -4.21 23.33 -2.03
CA LEU A 266 -4.41 22.06 -1.36
C LEU A 266 -5.88 21.78 -1.12
N LYS A 267 -6.63 22.78 -0.65
CA LYS A 267 -8.06 22.61 -0.43
C LYS A 267 -8.78 22.22 -1.72
N ASP A 268 -8.43 22.87 -2.84
CA ASP A 268 -9.09 22.57 -4.10
C ASP A 268 -8.81 21.14 -4.54
N LEU A 269 -7.55 20.69 -4.46
CA LEU A 269 -7.24 19.31 -4.82
C LEU A 269 -8.02 18.34 -3.95
N LEU A 270 -8.06 18.58 -2.64
CA LEU A 270 -8.71 17.64 -1.74
C LEU A 270 -10.22 17.58 -1.95
N ARG A 271 -10.85 18.72 -2.27
CA ARG A 271 -12.28 18.69 -2.56
C ARG A 271 -12.59 17.79 -3.76
N ASN A 272 -11.67 17.72 -4.72
CA ASN A 272 -11.86 16.92 -5.92
C ASN A 272 -11.46 15.45 -5.75
N LEU A 273 -10.56 15.14 -4.82
CA LEU A 273 -10.26 13.74 -4.49
C LEU A 273 -11.27 13.17 -3.51
N LEU A 274 -11.68 13.97 -2.52
CA LEU A 274 -12.69 13.57 -1.53
C LEU A 274 -14.09 13.90 -1.99
N GLN A 275 -14.34 13.66 -3.27
CA GLN A 275 -15.63 13.91 -3.89
C GLN A 275 -16.50 12.69 -3.70
N VAL A 276 -17.64 12.84 -3.01
CA VAL A 276 -18.42 11.67 -2.64
C VAL A 276 -19.04 11.00 -3.87
N ASP A 277 -19.33 11.78 -4.91
CA ASP A 277 -19.86 11.23 -6.16
C ASP A 277 -18.68 10.70 -6.97
N LEU A 278 -18.62 9.37 -7.16
CA LEU A 278 -17.44 8.78 -7.81
C LEU A 278 -17.32 9.17 -9.27
N THR A 279 -18.43 9.56 -9.93
CA THR A 279 -18.35 9.93 -11.33
C THR A 279 -17.81 11.34 -11.53
N LYS A 280 -17.61 12.08 -10.45
CA LYS A 280 -17.05 13.44 -10.48
C LYS A 280 -15.67 13.53 -9.83
N ARG A 281 -15.12 12.41 -9.38
CA ARG A 281 -13.91 12.39 -8.56
C ARG A 281 -12.67 12.44 -9.44
N PHE A 282 -11.71 13.30 -9.06
CA PHE A 282 -10.44 13.37 -9.78
C PHE A 282 -9.76 12.01 -9.81
N GLY A 283 -9.17 11.70 -10.97
CA GLY A 283 -8.64 10.38 -11.23
C GLY A 283 -9.62 9.47 -11.93
N ASN A 284 -10.91 9.79 -11.90
CA ASN A 284 -11.93 8.95 -12.52
C ASN A 284 -12.68 9.69 -13.63
N LEU A 285 -12.15 10.81 -14.09
CA LEU A 285 -12.75 11.57 -15.18
C LEU A 285 -12.11 11.18 -16.51
N LYS A 286 -12.56 11.82 -17.59
CA LYS A 286 -12.06 11.48 -18.92
C LYS A 286 -10.55 11.64 -19.01
N ASN A 287 -9.98 12.66 -18.35
CA ASN A 287 -8.53 12.85 -18.42
C ASN A 287 -7.77 12.00 -17.42
N GLY A 288 -8.46 11.21 -16.60
CA GLY A 288 -7.79 10.22 -15.76
C GLY A 288 -6.83 10.86 -14.78
N VAL A 289 -5.64 10.29 -14.67
CA VAL A 289 -4.67 10.75 -13.67
C VAL A 289 -4.13 12.13 -14.02
N ASN A 290 -4.25 12.56 -15.27
CA ASN A 290 -3.67 13.85 -15.65
C ASN A 290 -4.37 15.01 -14.95
N ASP A 291 -5.65 14.86 -14.57
CA ASP A 291 -6.30 15.91 -13.80
C ASP A 291 -5.60 16.14 -12.47
N ILE A 292 -4.98 15.08 -11.93
CA ILE A 292 -4.24 15.18 -10.68
C ILE A 292 -2.84 15.72 -10.92
N LYS A 293 -2.14 15.17 -11.93
CA LYS A 293 -0.76 15.58 -12.17
C LYS A 293 -0.67 17.03 -12.64
N ASN A 294 -1.71 17.55 -13.29
CA ASN A 294 -1.72 18.91 -13.80
C ASN A 294 -2.29 19.93 -12.82
N HIS A 295 -2.77 19.49 -11.67
CA HIS A 295 -3.36 20.39 -10.69
C HIS A 295 -2.31 21.35 -10.13
N LYS A 296 -2.75 22.57 -9.82
CA LYS A 296 -1.83 23.61 -9.34
C LYS A 296 -1.03 23.19 -8.11
N TRP A 297 -1.60 22.34 -7.25
CA TRP A 297 -0.86 21.91 -6.05
C TRP A 297 0.42 21.18 -6.42
N PHE A 298 0.45 20.52 -7.59
CA PHE A 298 1.63 19.80 -8.04
C PHE A 298 2.48 20.59 -9.04
N ALA A 299 2.31 21.92 -9.11
CA ALA A 299 3.00 22.67 -10.17
C ALA A 299 4.52 22.60 -10.04
N THR A 300 5.03 22.49 -8.81
CA THR A 300 6.49 22.39 -8.63
C THR A 300 7.03 20.96 -8.82
N THR A 301 6.19 19.96 -9.07
CA THR A 301 6.65 18.57 -9.13
C THR A 301 7.17 18.22 -10.52
N ASP A 302 8.40 17.69 -10.56
CA ASP A 302 9.00 17.15 -11.79
C ASP A 302 8.77 15.64 -11.77
N TRP A 303 7.75 15.19 -12.51
CA TRP A 303 7.29 13.81 -12.37
C TRP A 303 8.37 12.82 -12.80
N ILE A 304 9.09 13.12 -13.87
CA ILE A 304 10.18 12.23 -14.29
C ILE A 304 11.29 12.20 -13.24
N ALA A 305 11.61 13.34 -12.63
CA ALA A 305 12.68 13.36 -11.63
C ALA A 305 12.30 12.55 -10.39
N ILE A 306 11.03 12.59 -10.00
CA ILE A 306 10.56 11.74 -8.89
C ILE A 306 10.75 10.27 -9.24
N TYR A 307 10.24 9.86 -10.42
CA TYR A 307 10.35 8.47 -10.85
C TYR A 307 11.80 7.99 -10.85
N GLN A 308 12.71 8.82 -11.36
CA GLN A 308 14.13 8.50 -11.45
C GLN A 308 14.86 8.68 -10.12
N ARG A 309 14.16 9.12 -9.07
N ARG A 309 14.16 9.12 -9.07
CA ARG A 309 14.74 9.27 -7.73
CA ARG A 309 14.71 9.28 -7.73
C ARG A 309 15.88 10.28 -7.71
C ARG A 309 15.87 10.27 -7.72
N LYS A 310 15.72 11.37 -8.45
CA LYS A 310 16.74 12.42 -8.51
C LYS A 310 16.44 13.62 -7.62
N VAL A 311 15.28 13.63 -6.95
CA VAL A 311 14.89 14.70 -6.04
C VAL A 311 15.43 14.40 -4.65
N GLU A 312 16.02 15.40 -4.00
CA GLU A 312 16.50 15.24 -2.63
C GLU A 312 15.31 15.12 -1.68
N ALA A 313 15.31 14.08 -0.85
CA ALA A 313 14.16 13.86 0.02
C ALA A 313 14.15 14.84 1.18
N PRO A 314 12.98 15.14 1.73
CA PRO A 314 12.92 16.06 2.88
C PRO A 314 13.44 15.47 4.17
N PHE A 315 13.59 14.15 4.23
CA PHE A 315 13.89 13.47 5.48
C PHE A 315 14.59 12.16 5.17
N ILE A 316 15.70 11.91 5.86
CA ILE A 316 16.45 10.65 5.73
C ILE A 316 16.34 9.92 7.06
N PRO A 317 15.76 8.71 7.11
CA PRO A 317 15.61 8.02 8.40
C PRO A 317 16.96 7.71 9.01
N LYS A 318 17.00 7.68 10.34
CA LYS A 318 18.20 7.35 11.09
C LYS A 318 18.18 5.86 11.40
N PHE A 319 19.23 5.15 10.97
CA PHE A 319 19.40 3.73 11.29
C PHE A 319 20.87 3.38 11.07
N LYS A 320 21.31 2.29 11.70
CA LYS A 320 22.74 1.97 11.73
C LYS A 320 23.19 1.05 10.60
N GLY A 321 22.27 0.31 9.98
CA GLY A 321 22.62 -0.61 8.92
C GLY A 321 21.44 -1.46 8.51
N PRO A 322 21.67 -2.38 7.57
CA PRO A 322 20.55 -3.18 7.04
C PRO A 322 19.90 -4.13 8.05
N GLY A 323 20.54 -4.40 9.19
CA GLY A 323 19.95 -5.22 10.24
C GLY A 323 19.37 -4.45 11.40
N ASP A 324 19.31 -3.12 11.33
CA ASP A 324 18.84 -2.28 12.43
C ASP A 324 17.31 -2.30 12.47
N THR A 325 16.74 -2.60 13.63
CA THR A 325 15.29 -2.66 13.80
C THR A 325 14.74 -1.52 14.66
N SER A 326 15.54 -0.47 14.92
N SER A 326 15.53 -0.48 14.90
CA SER A 326 15.12 0.54 15.88
CA SER A 326 15.14 0.56 15.87
C SER A 326 13.94 1.38 15.40
C SER A 326 13.90 1.32 15.41
N ASN A 327 13.64 1.37 14.11
CA ASN A 327 12.50 2.13 13.60
C ASN A 327 11.20 1.34 13.58
N PHE A 328 11.22 0.09 14.02
CA PHE A 328 10.04 -0.73 14.21
C PHE A 328 9.81 -0.98 15.70
N ASP A 329 8.64 -1.49 16.05
CA ASP A 329 8.30 -1.61 17.46
C ASP A 329 8.45 -3.05 17.97
N ASP A 330 8.20 -3.22 19.26
CA ASP A 330 8.49 -4.48 19.95
C ASP A 330 7.22 -5.30 20.14
N TYR A 331 7.29 -6.59 19.80
CA TYR A 331 6.15 -7.49 19.94
C TYR A 331 6.59 -8.74 20.69
N GLU A 332 5.65 -9.38 21.38
CA GLU A 332 5.93 -10.67 22.01
C GLU A 332 6.42 -11.64 20.95
N GLU A 333 7.54 -12.31 21.24
CA GLU A 333 8.17 -13.22 20.27
C GLU A 333 7.57 -14.62 20.44
N GLU A 334 6.72 -15.01 19.49
CA GLU A 334 5.97 -16.25 19.61
C GLU A 334 6.50 -17.30 18.66
N GLU A 335 6.27 -18.57 19.02
CA GLU A 335 6.73 -19.67 18.19
C GLU A 335 6.02 -19.65 16.84
N ILE A 336 6.76 -20.07 15.81
CA ILE A 336 6.21 -20.37 14.49
C ILE A 336 6.44 -21.85 14.25
N ARG A 337 5.36 -22.64 14.29
CA ARG A 337 5.43 -24.08 14.18
C ARG A 337 5.03 -24.55 12.78
N VAL A 338 5.57 -25.70 12.39
CA VAL A 338 5.21 -26.35 11.14
C VAL A 338 4.75 -27.77 11.45
N SEP A 339 3.47 -28.03 11.21
CA SEP A 339 2.87 -29.31 11.56
CB SEP A 339 1.35 -29.25 11.39
OG SEP A 339 0.80 -30.55 11.28
C SEP A 339 3.45 -30.47 10.74
O SEP A 339 3.93 -30.29 9.62
P SEP A 339 0.42 -31.12 12.74
O1P SEP A 339 -0.05 -29.89 13.67
O2P SEP A 339 1.72 -31.81 13.38
O3P SEP A 339 -0.78 -32.20 12.60
N ILE A 340 3.39 -31.65 11.34
CA ILE A 340 3.79 -32.90 10.70
C ILE A 340 2.84 -33.28 9.56
N ASN A 341 1.61 -32.77 9.60
CA ASN A 341 0.60 -33.06 8.59
C ASN A 341 0.28 -31.81 7.78
N GLU A 342 -0.06 -32.02 6.50
CA GLU A 342 -0.38 -30.91 5.60
C GLU A 342 -1.77 -30.36 5.90
N LYS A 343 -1.87 -29.04 5.99
CA LYS A 343 -3.14 -28.36 6.27
C LYS A 343 -3.56 -27.56 5.04
N CYS A 344 -4.83 -27.71 4.64
CA CYS A 344 -5.43 -26.86 3.62
C CYS A 344 -4.67 -26.92 2.29
N GLY A 345 -4.19 -28.11 1.94
CA GLY A 345 -3.39 -28.24 0.73
C GLY A 345 -4.14 -27.80 -0.51
N LYS A 346 -5.38 -28.27 -0.67
CA LYS A 346 -6.15 -27.96 -1.86
C LYS A 346 -6.38 -26.46 -2.01
N GLU A 347 -6.69 -25.77 -0.91
CA GLU A 347 -7.02 -24.34 -1.00
C GLU A 347 -5.87 -23.53 -1.57
N PHE A 348 -4.64 -23.93 -1.29
CA PHE A 348 -3.48 -23.13 -1.65
C PHE A 348 -2.59 -23.81 -2.70
N THR A 349 -3.18 -24.72 -3.49
CA THR A 349 -2.43 -25.40 -4.56
C THR A 349 -1.62 -24.44 -5.42
N GLU A 350 -2.20 -23.28 -5.78
CA GLU A 350 -1.56 -22.37 -6.72
C GLU A 350 -0.47 -21.51 -6.08
N PHE A 351 -0.44 -21.40 -4.75
CA PHE A 351 0.54 -20.54 -4.09
C PHE A 351 1.94 -21.07 -4.36
C BEZ B . 9.56 -4.70 4.98
O1 BEZ B . 10.59 -4.19 5.40
O2 BEZ B . 9.44 -5.17 3.77
C1 BEZ B . 8.34 -4.77 5.84
C2 BEZ B . 7.13 -5.20 5.32
C3 BEZ B . 6.01 -5.29 6.14
C4 BEZ B . 6.10 -4.96 7.48
C5 BEZ B . 7.30 -4.54 8.00
C6 BEZ B . 8.42 -4.43 7.19
C BEZ C . 4.07 27.89 0.64
O1 BEZ C . 3.05 27.71 1.31
O2 BEZ C . 4.94 26.95 0.38
C1 BEZ C . 4.40 29.21 0.04
C2 BEZ C . 5.54 29.38 -0.72
C3 BEZ C . 5.85 30.62 -1.25
C4 BEZ C . 5.03 31.71 -1.01
C5 BEZ C . 3.89 31.55 -0.25
C6 BEZ C . 3.57 30.31 0.28
#